data_6WM0
#
_entry.id   6WM0
#
_cell.length_a   1.00
_cell.length_b   1.00
_cell.length_c   1.00
_cell.angle_alpha   90.00
_cell.angle_beta   90.00
_cell.angle_gamma   90.00
#
_symmetry.space_group_name_H-M   'P 1'
#
loop_
_entity.id
_entity.type
_entity.pdbx_description
1 polymer 'Potassium channel TASK2'
2 non-polymer 'POTASSIUM ION'
#
_entity_poly.entity_id   1
_entity_poly.type   'polypeptide(L)'
_entity_poly.pdbx_seq_one_letter_code
;MVDRGPLLTSAIIFYLAIGAAIFEVLEEPHWKEAKKNYYTQKLHLLKEFPCLSQEGLDKILQVVSDAADQGVAITGNQTF
NNWNWPNAMIFAATVITTIGYGNVAPKTPAGRLFCVFYGLFGVPLCLTWISALGKFFGGRAKRLGQFLTRRGVSLRKAQI
TCTAIFIVWGVLVHLVIPPFVFMVTEEWNYIEGLYYSFITISTIGFGDFVAGVNPSANYHALYRYFVELWIYLGLAWLSL
FVNWKVSMFVEVHKAIKKRRRRRKESFESSPHSRKALQMAGSTASKDVNIFSFLSKKEETYNDLIKQIGKKAMKTSGGGE
RVPGPGHGLGPQGDRSNSLEVLFQ
;
_entity_poly.pdbx_strand_id   A,B
#
# COMPACT_ATOMS: atom_id res chain seq x y z
N PRO A 6 26.89 3.46 -3.85
CA PRO A 6 27.32 2.07 -3.98
C PRO A 6 27.47 1.38 -2.62
N LEU A 7 27.50 2.18 -1.56
CA LEU A 7 27.62 1.61 -0.21
C LEU A 7 26.30 1.03 0.28
N LEU A 8 25.18 1.56 -0.19
CA LEU A 8 23.86 1.11 0.25
C LEU A 8 23.33 -0.03 -0.62
N THR A 9 23.42 0.12 -1.94
CA THR A 9 22.92 -0.91 -2.85
C THR A 9 23.60 -2.24 -2.62
N SER A 10 24.91 -2.23 -2.37
CA SER A 10 25.66 -3.47 -2.18
C SER A 10 25.21 -4.21 -0.92
N ALA A 11 24.52 -3.54 0.00
CA ALA A 11 23.94 -4.18 1.16
C ALA A 11 22.48 -4.53 0.98
N ILE A 12 21.72 -3.70 0.27
CA ILE A 12 20.30 -3.98 0.08
C ILE A 12 20.10 -5.12 -0.89
N ILE A 13 21.02 -5.33 -1.83
CA ILE A 13 20.93 -6.51 -2.69
C ILE A 13 20.96 -7.78 -1.84
N PHE A 14 21.94 -7.88 -0.93
CA PHE A 14 21.98 -9.03 -0.03
C PHE A 14 20.80 -9.05 0.94
N TYR A 15 20.31 -7.88 1.33
CA TYR A 15 19.13 -7.83 2.19
C TYR A 15 17.94 -8.51 1.51
N LEU A 16 17.68 -8.14 0.26
CA LEU A 16 16.61 -8.79 -0.49
C LEU A 16 16.88 -10.26 -0.67
N ALA A 17 18.15 -10.62 -0.93
CA ALA A 17 18.49 -12.03 -1.12
C ALA A 17 18.17 -12.86 0.12
N ILE A 18 18.57 -12.36 1.30
CA ILE A 18 18.35 -13.13 2.53
C ILE A 18 16.88 -13.10 2.93
N GLY A 19 16.18 -11.99 2.66
CA GLY A 19 14.76 -11.97 2.89
C GLY A 19 14.03 -13.02 2.09
N ALA A 20 14.38 -13.13 0.80
CA ALA A 20 13.80 -14.18 -0.03
C ALA A 20 14.20 -15.55 0.46
N ALA A 21 15.46 -15.72 0.89
CA ALA A 21 15.93 -17.02 1.34
C ALA A 21 15.21 -17.49 2.59
N ILE A 22 14.81 -16.57 3.46
CA ILE A 22 14.10 -16.96 4.67
C ILE A 22 12.60 -17.11 4.40
N PHE A 23 12.02 -16.24 3.57
CA PHE A 23 10.61 -16.36 3.25
C PHE A 23 10.32 -17.65 2.49
N GLU A 24 11.22 -18.04 1.58
CA GLU A 24 11.02 -19.24 0.78
C GLU A 24 10.92 -20.49 1.64
N VAL A 25 11.44 -20.49 2.87
CA VAL A 25 11.42 -21.68 3.70
C VAL A 25 10.38 -21.51 4.80
N LEU A 26 10.08 -20.26 5.16
CA LEU A 26 9.07 -20.03 6.19
C LEU A 26 7.66 -20.24 5.65
N GLU A 27 7.47 -20.07 4.34
CA GLU A 27 6.14 -20.05 3.74
C GLU A 27 5.86 -21.21 2.79
N GLU A 28 6.85 -21.64 2.02
CA GLU A 28 6.59 -22.61 0.96
C GLU A 28 5.93 -23.91 1.42
N PRO A 29 6.28 -24.50 2.57
CA PRO A 29 5.53 -25.69 3.02
C PRO A 29 4.04 -25.42 3.17
N HIS A 30 3.67 -24.28 3.75
CA HIS A 30 2.25 -23.95 3.91
C HIS A 30 1.58 -23.77 2.57
N TRP A 31 2.24 -23.08 1.63
CA TRP A 31 1.66 -22.89 0.31
C TRP A 31 1.46 -24.24 -0.39
N LYS A 32 2.44 -25.13 -0.29
CA LYS A 32 2.33 -26.43 -0.92
C LYS A 32 1.19 -27.24 -0.33
N GLU A 33 1.07 -27.25 1.01
CA GLU A 33 -0.02 -28.00 1.61
C GLU A 33 -1.37 -27.38 1.29
N ALA A 34 -1.44 -26.05 1.17
CA ALA A 34 -2.69 -25.42 0.79
C ALA A 34 -3.11 -25.79 -0.63
N LYS A 35 -2.14 -25.77 -1.56
CA LYS A 35 -2.44 -26.18 -2.93
C LYS A 35 -2.87 -27.64 -2.99
N LYS A 36 -2.17 -28.52 -2.27
CA LYS A 36 -2.53 -29.93 -2.25
C LYS A 36 -3.93 -30.14 -1.70
N ASN A 37 -4.27 -29.44 -0.61
CA ASN A 37 -5.60 -29.55 -0.04
C ASN A 37 -6.66 -29.01 -1.00
N TYR A 38 -6.38 -27.90 -1.66
CA TYR A 38 -7.32 -27.35 -2.62
C TYR A 38 -7.62 -28.36 -3.73
N TYR A 39 -6.58 -28.97 -4.29
CA TYR A 39 -6.81 -29.93 -5.37
C TYR A 39 -7.47 -31.20 -4.85
N THR A 40 -7.16 -31.62 -3.62
CA THR A 40 -7.81 -32.79 -3.06
C THR A 40 -9.31 -32.56 -2.87
N GLN A 41 -9.67 -31.43 -2.27
CA GLN A 41 -11.08 -31.11 -2.14
C GLN A 41 -11.72 -30.88 -3.50
N LYS A 42 -10.97 -30.39 -4.48
CA LYS A 42 -11.47 -30.29 -5.84
C LYS A 42 -11.94 -31.65 -6.35
N LEU A 43 -11.02 -32.61 -6.36
CA LEU A 43 -11.37 -33.95 -6.85
C LEU A 43 -12.46 -34.59 -6.00
N HIS A 44 -12.49 -34.29 -4.69
CA HIS A 44 -13.50 -34.94 -3.85
C HIS A 44 -14.88 -34.31 -4.03
N LEU A 45 -14.96 -33.02 -4.33
CA LEU A 45 -16.23 -32.45 -4.78
C LEU A 45 -16.64 -33.04 -6.11
N LEU A 46 -15.67 -33.29 -7.00
CA LEU A 46 -15.99 -33.93 -8.27
C LEU A 46 -16.60 -35.31 -8.04
N LYS A 47 -16.01 -36.10 -7.13
CA LYS A 47 -16.54 -37.43 -6.86
C LYS A 47 -17.83 -37.39 -6.04
N GLU A 48 -18.06 -36.32 -5.27
CA GLU A 48 -19.31 -36.21 -4.53
C GLU A 48 -20.48 -35.96 -5.47
N PHE A 49 -20.24 -35.20 -6.54
CA PHE A 49 -21.23 -35.00 -7.59
C PHE A 49 -20.70 -35.58 -8.89
N PRO A 50 -20.79 -36.89 -9.10
CA PRO A 50 -20.53 -37.42 -10.44
C PRO A 50 -21.48 -36.84 -11.46
N CYS A 51 -22.66 -36.43 -10.99
CA CYS A 51 -23.60 -35.67 -11.79
C CYS A 51 -22.98 -34.38 -12.32
N LEU A 52 -22.11 -33.76 -11.54
CA LEU A 52 -21.41 -32.55 -11.96
C LEU A 52 -20.09 -32.93 -12.63
N SER A 53 -19.88 -32.45 -13.86
CA SER A 53 -18.69 -32.80 -14.62
C SER A 53 -17.55 -31.83 -14.31
N GLN A 54 -16.34 -32.25 -14.69
CA GLN A 54 -15.17 -31.40 -14.55
C GLN A 54 -15.34 -30.10 -15.32
N GLU A 55 -15.67 -30.20 -16.61
CA GLU A 55 -15.86 -29.02 -17.45
C GLU A 55 -17.01 -28.13 -17.00
N GLY A 56 -17.80 -28.58 -16.03
CA GLY A 56 -18.78 -27.72 -15.39
C GLY A 56 -18.19 -27.07 -14.16
N LEU A 57 -17.33 -27.82 -13.46
CA LEU A 57 -16.59 -27.25 -12.35
C LEU A 57 -15.74 -26.08 -12.81
N ASP A 58 -15.11 -26.20 -13.98
CA ASP A 58 -14.35 -25.08 -14.51
C ASP A 58 -15.25 -23.89 -14.80
N LYS A 59 -16.47 -24.12 -15.26
CA LYS A 59 -17.40 -23.01 -15.49
C LYS A 59 -17.78 -22.34 -14.18
N ILE A 60 -18.02 -23.12 -13.14
CA ILE A 60 -18.38 -22.55 -11.84
C ILE A 60 -17.22 -21.73 -11.28
N LEU A 61 -16.00 -22.28 -11.35
CA LEU A 61 -14.83 -21.55 -10.91
C LEU A 61 -14.66 -20.26 -11.71
N GLN A 62 -14.91 -20.32 -13.02
CA GLN A 62 -14.79 -19.13 -13.85
C GLN A 62 -15.82 -18.08 -13.48
N VAL A 63 -17.04 -18.52 -13.16
CA VAL A 63 -18.06 -17.57 -12.72
C VAL A 63 -17.66 -16.92 -11.41
N VAL A 64 -17.14 -17.72 -10.47
CA VAL A 64 -16.78 -17.17 -9.17
C VAL A 64 -15.62 -16.17 -9.31
N SER A 65 -14.62 -16.52 -10.11
CA SER A 65 -13.50 -15.60 -10.34
C SER A 65 -13.88 -14.45 -11.24
N ASP A 66 -14.99 -14.54 -11.96
CA ASP A 66 -15.37 -13.49 -12.90
C ASP A 66 -15.81 -12.23 -12.16
N ALA A 67 -16.41 -12.39 -10.98
CA ALA A 67 -16.92 -11.26 -10.23
C ALA A 67 -16.25 -11.09 -8.88
N ALA A 68 -15.35 -12.00 -8.49
CA ALA A 68 -14.52 -11.74 -7.32
C ALA A 68 -13.55 -10.60 -7.57
N ASP A 69 -13.30 -10.26 -8.82
CA ASP A 69 -12.47 -9.11 -9.18
C ASP A 69 -13.30 -7.97 -9.76
N GLN A 70 -14.63 -8.09 -9.69
CA GLN A 70 -15.53 -6.98 -10.03
C GLN A 70 -16.04 -6.24 -8.81
N GLY A 71 -15.78 -6.75 -7.60
CA GLY A 71 -16.15 -6.05 -6.38
C GLY A 71 -17.04 -6.87 -5.46
N VAL A 72 -17.98 -7.63 -6.02
CA VAL A 72 -18.88 -8.41 -5.19
C VAL A 72 -18.10 -9.53 -4.50
N ALA A 73 -18.37 -9.73 -3.22
CA ALA A 73 -17.67 -10.76 -2.46
C ALA A 73 -18.12 -12.14 -2.88
N ILE A 74 -17.23 -13.11 -2.70
CA ILE A 74 -17.52 -14.50 -3.09
C ILE A 74 -18.71 -15.04 -2.31
N THR A 75 -18.68 -14.86 -0.98
CA THR A 75 -19.67 -15.49 -0.11
C THR A 75 -20.28 -14.44 0.82
N GLY A 76 -21.47 -14.77 1.32
CA GLY A 76 -22.15 -13.90 2.26
C GLY A 76 -22.73 -12.66 1.60
N ASN A 77 -23.22 -11.76 2.43
CA ASN A 77 -23.73 -10.48 1.94
C ASN A 77 -22.58 -9.51 1.70
N GLN A 78 -22.89 -8.45 0.94
CA GLN A 78 -21.88 -7.50 0.50
C GLN A 78 -22.07 -6.12 1.09
N THR A 79 -22.42 -6.02 2.38
CA THR A 79 -22.70 -4.71 2.96
C THR A 79 -21.42 -3.93 3.22
N PHE A 80 -20.33 -4.63 3.57
CA PHE A 80 -19.14 -3.91 4.03
C PHE A 80 -18.28 -3.45 2.86
N ASN A 81 -18.29 -4.20 1.76
CA ASN A 81 -17.59 -3.78 0.55
C ASN A 81 -18.46 -2.98 -0.40
N ASN A 82 -19.60 -2.47 0.08
CA ASN A 82 -20.49 -1.70 -0.76
C ASN A 82 -19.86 -0.35 -1.09
N TRP A 83 -20.52 0.40 -1.98
CA TRP A 83 -20.00 1.66 -2.47
C TRP A 83 -20.77 2.87 -1.98
N ASN A 84 -21.54 2.74 -0.91
CA ASN A 84 -22.32 3.86 -0.40
C ASN A 84 -21.43 4.82 0.39
N TRP A 85 -22.08 5.74 1.09
CA TRP A 85 -21.37 6.85 1.73
C TRP A 85 -20.32 6.41 2.76
N PRO A 86 -20.66 5.62 3.79
CA PRO A 86 -19.64 5.34 4.82
C PRO A 86 -18.41 4.63 4.27
N ASN A 87 -18.60 3.61 3.43
CA ASN A 87 -17.46 2.92 2.84
C ASN A 87 -16.63 3.86 1.99
N ALA A 88 -17.28 4.75 1.24
CA ALA A 88 -16.54 5.64 0.35
C ALA A 88 -15.73 6.67 1.12
N MET A 89 -16.26 7.13 2.26
CA MET A 89 -15.56 8.18 3.00
C MET A 89 -14.26 7.67 3.60
N ILE A 90 -14.16 6.35 3.80
CA ILE A 90 -12.90 5.78 4.29
C ILE A 90 -12.05 5.21 3.17
N PHE A 91 -12.66 4.83 2.04
CA PHE A 91 -11.86 4.47 0.87
C PHE A 91 -11.06 5.69 0.44
N ALA A 92 -11.66 6.87 0.50
CA ALA A 92 -10.95 8.10 0.21
C ALA A 92 -9.73 8.25 1.12
N ALA A 93 -9.88 7.87 2.39
CA ALA A 93 -8.77 7.98 3.33
C ALA A 93 -7.67 7.00 3.00
N THR A 94 -8.04 5.74 2.73
CA THR A 94 -7.04 4.75 2.33
C THR A 94 -6.31 5.18 1.06
N VAL A 95 -6.99 5.95 0.20
CA VAL A 95 -6.32 6.48 -0.98
C VAL A 95 -5.33 7.58 -0.60
N ILE A 96 -5.76 8.53 0.24
CA ILE A 96 -4.94 9.72 0.43
C ILE A 96 -4.00 9.59 1.62
N THR A 97 -3.85 8.38 2.16
CA THR A 97 -2.78 8.12 3.12
C THR A 97 -1.74 7.12 2.59
N THR A 98 -1.74 6.87 1.27
CA THR A 98 -0.80 5.94 0.62
C THR A 98 -0.83 4.56 1.25
N ILE A 99 -1.93 4.21 1.92
CA ILE A 99 -2.07 2.85 2.44
C ILE A 99 -2.56 1.92 1.35
N GLY A 100 -3.73 2.22 0.78
CA GLY A 100 -4.21 1.44 -0.34
C GLY A 100 -4.35 -0.03 -0.02
N TYR A 101 -5.32 -0.37 0.83
CA TYR A 101 -5.58 -1.78 1.10
C TYR A 101 -5.96 -2.52 -0.17
N GLY A 102 -7.03 -2.12 -0.82
CA GLY A 102 -7.44 -2.73 -2.06
C GLY A 102 -8.63 -3.65 -1.97
N ASN A 103 -9.32 -3.70 -0.82
CA ASN A 103 -10.54 -4.47 -0.74
C ASN A 103 -11.64 -3.86 -1.59
N VAL A 104 -11.67 -2.53 -1.67
CA VAL A 104 -12.54 -1.81 -2.60
C VAL A 104 -11.66 -0.90 -3.44
N ALA A 105 -11.89 -0.91 -4.75
CA ALA A 105 -11.13 -0.14 -5.70
C ALA A 105 -12.04 0.19 -6.87
N PRO A 106 -11.74 1.25 -7.63
CA PRO A 106 -12.58 1.58 -8.77
C PRO A 106 -12.43 0.54 -9.87
N LYS A 107 -13.54 0.30 -10.58
CA LYS A 107 -13.58 -0.68 -11.66
C LYS A 107 -14.11 -0.10 -12.96
N THR A 108 -14.27 1.21 -13.04
CA THR A 108 -14.80 1.86 -14.24
C THR A 108 -13.78 2.81 -14.82
N PRO A 109 -13.64 2.87 -16.15
CA PRO A 109 -12.68 3.81 -16.74
C PRO A 109 -12.92 5.26 -16.35
N ALA A 110 -14.16 5.62 -16.02
CA ALA A 110 -14.44 6.97 -15.58
C ALA A 110 -13.90 7.22 -14.18
N GLY A 111 -14.07 6.26 -13.27
CA GLY A 111 -13.56 6.42 -11.92
C GLY A 111 -12.07 6.18 -11.83
N ARG A 112 -11.57 5.18 -12.55
CA ARG A 112 -10.13 4.90 -12.56
C ARG A 112 -9.32 6.13 -12.94
N LEU A 113 -9.90 7.02 -13.73
CA LEU A 113 -9.18 8.24 -14.12
C LEU A 113 -9.41 9.35 -13.11
N PHE A 114 -10.55 9.33 -12.43
CA PHE A 114 -10.77 10.32 -11.38
C PHE A 114 -9.89 10.04 -10.17
N CYS A 115 -9.67 8.76 -9.87
CA CYS A 115 -8.85 8.41 -8.71
C CYS A 115 -7.42 8.90 -8.88
N VAL A 116 -6.95 8.98 -10.13
CA VAL A 116 -5.58 9.45 -10.36
C VAL A 116 -5.43 10.91 -9.95
N PHE A 117 -6.34 11.77 -10.43
CA PHE A 117 -6.27 13.18 -10.06
C PHE A 117 -6.59 13.38 -8.59
N TYR A 118 -7.53 12.58 -8.06
CA TYR A 118 -7.84 12.65 -6.64
C TYR A 118 -6.61 12.38 -5.79
N GLY A 119 -5.87 11.32 -6.11
CA GLY A 119 -4.64 11.06 -5.40
C GLY A 119 -3.61 12.14 -5.60
N LEU A 120 -3.42 12.58 -6.86
CA LEU A 120 -2.40 13.57 -7.16
C LEU A 120 -2.64 14.89 -6.42
N PHE A 121 -3.91 15.20 -6.15
CA PHE A 121 -4.23 16.45 -5.47
C PHE A 121 -4.43 16.28 -3.97
N GLY A 122 -4.68 15.06 -3.49
CA GLY A 122 -4.92 14.87 -2.08
C GLY A 122 -3.69 14.40 -1.32
N VAL A 123 -2.99 13.40 -1.88
CA VAL A 123 -1.82 12.85 -1.18
C VAL A 123 -0.82 13.90 -0.76
N PRO A 124 -0.43 14.86 -1.62
CA PRO A 124 0.51 15.90 -1.13
C PRO A 124 -0.11 16.80 -0.09
N LEU A 125 -1.43 17.00 -0.15
CA LEU A 125 -2.10 17.81 0.87
C LEU A 125 -2.16 17.06 2.19
N CYS A 126 -2.57 15.80 2.17
CA CYS A 126 -2.76 15.05 3.42
C CYS A 126 -1.43 14.81 4.13
N LEU A 127 -0.35 14.64 3.38
CA LEU A 127 0.95 14.43 4.02
C LEU A 127 1.43 15.70 4.72
N THR A 128 0.76 16.83 4.49
CA THR A 128 1.07 18.04 5.25
C THR A 128 0.19 18.16 6.48
N TRP A 129 -1.11 17.87 6.33
CA TRP A 129 -2.01 17.86 7.48
C TRP A 129 -1.49 16.96 8.59
N ILE A 130 -0.97 15.79 8.23
CA ILE A 130 -0.43 14.87 9.23
C ILE A 130 0.82 15.46 9.86
N SER A 131 1.68 16.10 9.06
CA SER A 131 2.86 16.74 9.61
C SER A 131 2.47 17.91 10.51
N ALA A 132 1.39 18.61 10.17
CA ALA A 132 0.92 19.71 11.03
C ALA A 132 0.43 19.18 12.37
N LEU A 133 -0.40 18.14 12.35
CA LEU A 133 -0.81 17.49 13.60
C LEU A 133 0.40 17.05 14.40
N GLY A 134 1.39 16.46 13.73
CA GLY A 134 2.59 16.02 14.42
C GLY A 134 3.31 17.15 15.12
N LYS A 135 3.58 18.24 14.39
CA LYS A 135 4.31 19.35 14.98
C LYS A 135 3.51 20.00 16.11
N PHE A 136 2.19 20.05 15.99
CA PHE A 136 1.37 20.64 17.06
C PHE A 136 1.44 19.78 18.32
N PHE A 137 1.25 18.46 18.18
CA PHE A 137 1.32 17.59 19.35
C PHE A 137 2.73 17.58 19.93
N GLY A 138 3.75 17.71 19.08
CA GLY A 138 5.11 17.78 19.58
C GLY A 138 5.36 19.05 20.37
N GLY A 139 4.81 20.17 19.90
CA GLY A 139 4.89 21.40 20.68
C GLY A 139 4.22 21.26 22.03
N ARG A 140 3.02 20.67 22.06
CA ARG A 140 2.33 20.48 23.33
C ARG A 140 3.14 19.59 24.27
N ALA A 141 3.59 18.43 23.79
CA ALA A 141 4.36 17.52 24.63
C ALA A 141 5.63 18.19 25.12
N LYS A 142 6.32 18.94 24.25
CA LYS A 142 7.58 19.56 24.65
C LYS A 142 7.34 20.65 25.68
N ARG A 143 6.30 21.48 25.51
CA ARG A 143 6.05 22.53 26.49
C ARG A 143 5.68 21.92 27.85
N LEU A 144 4.84 20.89 27.86
CA LEU A 144 4.51 20.24 29.11
C LEU A 144 5.75 19.65 29.77
N GLY A 145 6.57 18.93 28.99
CA GLY A 145 7.77 18.32 29.55
C GLY A 145 8.75 19.35 30.08
N GLN A 146 8.90 20.47 29.39
CA GLN A 146 9.85 21.49 29.82
C GLN A 146 9.34 22.24 31.04
N PHE A 147 8.03 22.48 31.11
CA PHE A 147 7.47 23.05 32.33
C PHE A 147 7.69 22.14 33.52
N LEU A 148 7.42 20.85 33.37
CA LEU A 148 7.60 19.93 34.49
C LEU A 148 9.08 19.73 34.82
N THR A 149 9.95 19.92 33.82
CA THR A 149 11.39 19.82 34.08
C THR A 149 11.91 21.07 34.78
N ARG A 150 11.28 22.22 34.51
CA ARG A 150 11.60 23.42 35.26
C ARG A 150 11.13 23.31 36.71
N ARG A 151 9.92 22.78 36.92
CA ARG A 151 9.45 22.52 38.27
C ARG A 151 10.39 21.56 38.99
N GLY A 152 11.07 20.70 38.25
CA GLY A 152 12.14 19.87 38.76
C GLY A 152 13.50 20.49 38.50
N VAL A 153 14.39 19.70 37.88
CA VAL A 153 15.72 20.16 37.52
C VAL A 153 16.02 19.68 36.10
N SER A 154 16.54 20.58 35.27
CA SER A 154 16.99 20.19 33.95
C SER A 154 18.30 19.43 34.04
N LEU A 155 18.51 18.54 33.07
CA LEU A 155 19.67 17.66 33.08
C LEU A 155 20.23 17.53 31.67
N ARG A 156 21.53 17.21 31.61
CA ARG A 156 22.16 16.93 30.31
C ARG A 156 21.54 15.70 29.66
N LYS A 157 21.01 14.79 30.47
CA LYS A 157 20.34 13.59 29.97
C LYS A 157 18.82 13.71 29.97
N ALA A 158 18.29 14.89 30.31
CA ALA A 158 16.84 15.04 30.37
C ALA A 158 16.21 14.85 28.99
N GLN A 159 16.88 15.32 27.94
CA GLN A 159 16.38 15.09 26.59
C GLN A 159 16.30 13.60 26.28
N ILE A 160 17.27 12.83 26.77
CA ILE A 160 17.19 11.37 26.64
C ILE A 160 15.91 10.85 27.28
N THR A 161 15.60 11.33 28.50
CA THR A 161 14.40 10.89 29.18
C THR A 161 13.15 11.21 28.40
N CYS A 162 13.00 12.46 27.95
CA CYS A 162 11.80 12.85 27.25
C CYS A 162 11.65 12.10 25.93
N THR A 163 12.75 11.95 25.19
CA THR A 163 12.69 11.23 23.91
C THR A 163 12.33 9.77 24.12
N ALA A 164 12.93 9.13 25.12
CA ALA A 164 12.61 7.73 25.40
C ALA A 164 11.15 7.58 25.82
N ILE A 165 10.65 8.52 26.63
CA ILE A 165 9.24 8.48 27.03
C ILE A 165 8.35 8.58 25.81
N PHE A 166 8.68 9.48 24.88
CA PHE A 166 7.89 9.62 23.66
C PHE A 166 7.91 8.34 22.83
N ILE A 167 9.10 7.75 22.65
CA ILE A 167 9.21 6.56 21.82
C ILE A 167 8.45 5.40 22.43
N VAL A 168 8.56 5.22 23.75
CA VAL A 168 7.83 4.13 24.41
C VAL A 168 6.34 4.39 24.38
N TRP A 169 5.91 5.65 24.49
CA TRP A 169 4.49 5.97 24.32
C TRP A 169 3.99 5.51 22.96
N GLY A 170 4.73 5.88 21.91
CA GLY A 170 4.33 5.48 20.56
C GLY A 170 4.28 3.97 20.41
N VAL A 171 5.33 3.29 20.86
CA VAL A 171 5.40 1.83 20.71
C VAL A 171 4.23 1.17 21.44
N LEU A 172 3.97 1.60 22.67
CA LEU A 172 2.86 1.04 23.44
C LEU A 172 1.54 1.26 22.73
N VAL A 173 1.23 2.51 22.40
CA VAL A 173 -0.10 2.81 21.85
C VAL A 173 -0.30 2.20 20.47
N HIS A 174 0.75 1.94 19.71
CA HIS A 174 0.57 1.53 18.32
C HIS A 174 1.03 0.13 17.98
N LEU A 175 1.67 -0.59 18.90
CA LEU A 175 2.09 -1.95 18.60
C LEU A 175 1.79 -2.96 19.70
N VAL A 176 1.60 -2.55 20.96
CA VAL A 176 1.46 -3.50 22.06
C VAL A 176 0.06 -3.49 22.66
N ILE A 177 -0.60 -2.34 22.74
CA ILE A 177 -1.97 -2.27 23.26
C ILE A 177 -3.02 -2.68 22.22
N PRO A 178 -2.98 -2.20 20.98
CA PRO A 178 -4.06 -2.49 20.02
C PRO A 178 -4.34 -3.97 19.85
N PRO A 179 -3.32 -4.85 19.74
CA PRO A 179 -3.63 -6.26 19.48
C PRO A 179 -4.62 -6.86 20.45
N PHE A 180 -4.67 -6.36 21.69
CA PHE A 180 -5.64 -6.88 22.65
C PHE A 180 -7.05 -6.40 22.32
N VAL A 181 -7.19 -5.13 21.94
CA VAL A 181 -8.47 -4.63 21.48
C VAL A 181 -8.98 -5.45 20.31
N PHE A 182 -8.08 -5.83 19.40
CA PHE A 182 -8.49 -6.61 18.24
C PHE A 182 -8.76 -8.07 18.60
N MET A 183 -8.05 -8.61 19.59
CA MET A 183 -8.44 -9.90 20.16
C MET A 183 -9.88 -9.86 20.65
N VAL A 184 -10.26 -8.77 21.30
CA VAL A 184 -11.59 -8.68 21.88
C VAL A 184 -12.65 -8.52 20.79
N THR A 185 -12.51 -7.48 19.96
CA THR A 185 -13.59 -7.09 19.07
C THR A 185 -13.58 -7.79 17.72
N GLU A 186 -12.46 -8.41 17.33
CA GLU A 186 -12.35 -9.01 16.01
C GLU A 186 -12.06 -10.51 16.02
N GLU A 187 -11.65 -11.06 17.17
CA GLU A 187 -11.37 -12.49 17.31
C GLU A 187 -10.18 -12.93 16.48
N TRP A 188 -9.15 -12.10 16.44
CA TRP A 188 -7.83 -12.49 15.96
C TRP A 188 -6.97 -12.87 17.15
N ASN A 189 -5.94 -13.65 16.90
CA ASN A 189 -4.96 -13.94 17.94
C ASN A 189 -4.01 -12.75 18.04
N TYR A 190 -2.93 -12.89 18.81
CA TYR A 190 -2.07 -11.74 19.05
C TYR A 190 -1.16 -11.44 17.87
N ILE A 191 -0.60 -12.47 17.26
CA ILE A 191 0.35 -12.25 16.17
C ILE A 191 -0.33 -11.58 14.98
N GLU A 192 -1.55 -12.00 14.67
CA GLU A 192 -2.30 -11.35 13.60
C GLU A 192 -2.54 -9.88 13.90
N GLY A 193 -2.95 -9.56 15.12
CA GLY A 193 -3.22 -8.17 15.47
C GLY A 193 -1.98 -7.31 15.41
N LEU A 194 -0.84 -7.83 15.91
CA LEU A 194 0.40 -7.07 15.88
C LEU A 194 0.89 -6.87 14.44
N TYR A 195 0.86 -7.94 13.64
CA TYR A 195 1.23 -7.86 12.24
C TYR A 195 0.38 -6.83 11.51
N TYR A 196 -0.93 -6.89 11.69
CA TYR A 196 -1.83 -5.93 11.04
C TYR A 196 -1.54 -4.51 11.50
N SER A 197 -1.29 -4.32 12.80
CA SER A 197 -1.02 -2.98 13.30
C SER A 197 0.25 -2.41 12.70
N PHE A 198 1.31 -3.21 12.61
CA PHE A 198 2.54 -2.70 12.03
C PHE A 198 2.37 -2.43 10.54
N ILE A 199 1.71 -3.33 9.83
CA ILE A 199 1.45 -3.11 8.40
C ILE A 199 0.70 -1.80 8.19
N THR A 200 -0.35 -1.56 8.98
CA THR A 200 -1.14 -0.35 8.80
C THR A 200 -0.36 0.90 9.16
N ILE A 201 0.45 0.86 10.23
CA ILE A 201 1.12 2.07 10.68
C ILE A 201 2.18 2.51 9.67
N SER A 202 2.85 1.56 9.03
CA SER A 202 3.90 1.88 8.06
C SER A 202 3.35 2.13 6.67
N THR A 203 2.06 2.38 6.53
CA THR A 203 1.40 2.66 5.25
C THR A 203 1.72 1.62 4.19
N ILE A 204 1.90 0.37 4.61
CA ILE A 204 2.09 -0.71 3.64
C ILE A 204 0.72 -1.21 3.19
N GLY A 205 -0.07 -1.70 4.13
CA GLY A 205 -1.44 -2.05 3.81
C GLY A 205 -1.59 -3.11 2.75
N PHE A 206 -1.20 -4.35 3.06
CA PHE A 206 -1.44 -5.44 2.12
C PHE A 206 -2.90 -5.54 1.75
N GLY A 207 -3.76 -5.74 2.74
CA GLY A 207 -5.18 -5.77 2.49
C GLY A 207 -5.81 -7.12 2.79
N ASP A 208 -5.11 -7.95 3.56
CA ASP A 208 -5.67 -9.20 4.02
C ASP A 208 -6.36 -9.06 5.37
N PHE A 209 -5.99 -8.06 6.16
CA PHE A 209 -6.61 -7.78 7.45
C PHE A 209 -7.04 -6.32 7.47
N VAL A 210 -8.34 -6.08 7.42
CA VAL A 210 -8.90 -4.74 7.53
C VAL A 210 -9.84 -4.74 8.73
N ALA A 211 -9.72 -3.71 9.57
CA ALA A 211 -10.51 -3.65 10.80
C ALA A 211 -11.87 -3.04 10.54
N GLY A 212 -12.90 -3.67 11.08
CA GLY A 212 -14.24 -3.16 10.97
C GLY A 212 -15.01 -3.61 9.75
N VAL A 213 -14.50 -4.58 9.00
CA VAL A 213 -15.24 -5.15 7.88
C VAL A 213 -15.38 -6.67 8.07
N ASN A 214 -16.54 -7.09 8.57
CA ASN A 214 -16.84 -8.50 8.73
C ASN A 214 -18.35 -8.67 8.71
N PRO A 215 -18.92 -9.35 7.70
CA PRO A 215 -20.37 -9.60 7.71
C PRO A 215 -20.85 -10.31 8.95
N SER A 216 -20.04 -11.19 9.53
CA SER A 216 -20.39 -11.89 10.75
C SER A 216 -19.77 -11.19 11.95
N ALA A 217 -20.32 -10.01 12.25
CA ALA A 217 -19.81 -9.19 13.33
C ALA A 217 -20.92 -8.27 13.85
N ASN A 218 -20.80 -7.91 15.13
CA ASN A 218 -21.74 -7.03 15.79
C ASN A 218 -21.09 -5.72 16.23
N TYR A 219 -20.31 -5.12 15.33
CA TYR A 219 -19.55 -3.91 15.66
C TYR A 219 -20.48 -2.81 16.18
N HIS A 220 -19.92 -1.94 17.00
CA HIS A 220 -20.63 -0.75 17.44
C HIS A 220 -20.60 0.30 16.34
N ALA A 221 -21.57 1.21 16.39
CA ALA A 221 -21.83 2.09 15.25
C ALA A 221 -20.65 3.01 14.94
N LEU A 222 -19.78 3.24 15.91
CA LEU A 222 -18.65 4.14 15.72
C LEU A 222 -17.29 3.44 15.77
N TYR A 223 -17.28 2.12 15.68
CA TYR A 223 -16.02 1.38 15.77
C TYR A 223 -15.10 1.73 14.59
N ARG A 224 -15.65 1.74 13.39
CA ARG A 224 -14.85 2.00 12.19
C ARG A 224 -14.20 3.38 12.25
N TYR A 225 -14.94 4.38 12.70
CA TYR A 225 -14.39 5.73 12.74
C TYR A 225 -13.36 5.88 13.86
N PHE A 226 -13.54 5.14 14.96
CA PHE A 226 -12.49 5.11 15.97
C PHE A 226 -11.22 4.49 15.41
N VAL A 227 -11.35 3.42 14.64
CA VAL A 227 -10.19 2.81 13.99
C VAL A 227 -9.50 3.83 13.09
N GLU A 228 -10.27 4.55 12.29
CA GLU A 228 -9.69 5.53 11.38
C GLU A 228 -8.96 6.62 12.14
N LEU A 229 -9.55 7.11 13.24
CA LEU A 229 -8.89 8.15 14.02
C LEU A 229 -7.61 7.64 14.66
N TRP A 230 -7.62 6.40 15.15
CA TRP A 230 -6.40 5.81 15.70
C TRP A 230 -5.32 5.72 14.63
N ILE A 231 -5.71 5.35 13.41
CA ILE A 231 -4.76 5.27 12.30
C ILE A 231 -4.14 6.64 12.03
N TYR A 232 -4.98 7.68 12.03
CA TYR A 232 -4.47 9.02 11.78
C TYR A 232 -3.49 9.47 12.85
N LEU A 233 -3.82 9.23 14.11
CA LEU A 233 -2.91 9.62 15.19
C LEU A 233 -1.61 8.81 15.12
N GLY A 234 -1.70 7.54 14.72
CA GLY A 234 -0.50 6.75 14.54
C GLY A 234 0.39 7.32 13.46
N LEU A 235 -0.19 7.76 12.35
CA LEU A 235 0.60 8.35 11.28
C LEU A 235 1.22 9.67 11.73
N ALA A 236 0.50 10.46 12.51
CA ALA A 236 1.06 11.71 13.03
C ALA A 236 2.26 11.44 13.93
N TRP A 237 2.13 10.49 14.86
CA TRP A 237 3.26 10.14 15.70
C TRP A 237 4.42 9.60 14.87
N LEU A 238 4.11 8.87 13.80
CA LEU A 238 5.16 8.37 12.91
C LEU A 238 5.93 9.54 12.30
N SER A 239 5.21 10.56 11.83
CA SER A 239 5.88 11.76 11.31
C SER A 239 6.77 12.41 12.36
N LEU A 240 6.24 12.59 13.57
CA LEU A 240 7.04 13.19 14.64
C LEU A 240 8.32 12.40 14.89
N PHE A 241 8.19 11.08 15.04
CA PHE A 241 9.34 10.25 15.38
C PHE A 241 10.34 10.22 14.23
N VAL A 242 9.86 10.24 12.99
CA VAL A 242 10.80 10.18 11.87
C VAL A 242 11.57 11.49 11.74
N ASN A 243 10.93 12.63 12.01
CA ASN A 243 11.68 13.88 12.02
C ASN A 243 12.67 13.93 13.18
N TRP A 244 12.24 13.49 14.37
CA TRP A 244 13.16 13.40 15.49
C TRP A 244 14.36 12.54 15.15
N LYS A 245 14.14 11.41 14.49
CA LYS A 245 15.24 10.50 14.17
C LYS A 245 16.13 11.08 13.07
N VAL A 246 15.54 11.82 12.12
CA VAL A 246 16.34 12.54 11.15
C VAL A 246 17.31 13.48 11.85
N SER A 247 16.81 14.26 12.82
CA SER A 247 17.69 15.20 13.51
C SER A 247 18.71 14.47 14.40
N MET A 248 18.28 13.39 15.03
CA MET A 248 19.20 12.63 15.88
C MET A 248 20.26 11.91 15.06
N PHE A 249 19.99 11.71 13.77
CA PHE A 249 21.02 11.14 12.90
C PHE A 249 22.13 12.14 12.63
N VAL A 250 21.77 13.42 12.43
CA VAL A 250 22.78 14.47 12.40
C VAL A 250 23.53 14.49 13.72
N GLU A 251 22.79 14.39 14.84
CA GLU A 251 23.43 14.38 16.15
C GLU A 251 24.46 13.27 16.26
N VAL A 252 24.11 12.05 15.83
CA VAL A 252 25.01 10.91 16.04
C VAL A 252 26.16 10.94 15.03
N HIS A 253 25.92 11.48 13.83
CA HIS A 253 27.02 11.64 12.89
C HIS A 253 28.00 12.71 13.36
N LYS A 254 27.52 13.64 14.20
CA LYS A 254 28.44 14.52 14.91
C LYS A 254 29.17 13.77 16.02
N ALA A 255 28.43 13.03 16.84
CA ALA A 255 29.01 12.42 18.04
C ALA A 255 29.98 11.29 17.70
N ILE A 256 29.89 10.75 16.48
CA ILE A 256 30.79 9.66 16.10
C ILE A 256 32.23 10.15 16.01
N LYS A 257 32.42 11.38 15.51
CA LYS A 257 33.77 11.92 15.41
C LYS A 257 34.40 12.11 16.79
N LYS A 258 33.56 12.26 17.83
CA LYS A 258 34.07 12.29 19.19
C LYS A 258 34.78 10.98 19.54
N ARG A 259 34.23 9.86 19.08
CA ARG A 259 34.83 8.56 19.39
C ARG A 259 36.15 8.38 18.64
N ARG A 260 36.38 9.17 17.60
CA ARG A 260 37.65 9.14 16.87
C ARG A 260 38.63 10.15 17.44
N PRO B 6 -7.07 22.83 12.94
CA PRO B 6 -6.88 24.24 12.55
C PRO B 6 -7.34 24.53 11.13
N LEU B 7 -6.41 24.98 10.28
CA LEU B 7 -6.78 25.38 8.93
C LEU B 7 -6.87 24.18 8.00
N LEU B 8 -6.05 23.15 8.23
CA LEU B 8 -5.95 22.04 7.29
C LEU B 8 -7.08 21.04 7.48
N THR B 9 -7.47 20.81 8.74
CA THR B 9 -8.38 19.70 9.04
C THR B 9 -9.74 19.89 8.39
N SER B 10 -10.26 21.12 8.37
CA SER B 10 -11.56 21.35 7.74
C SER B 10 -11.50 21.11 6.25
N ALA B 11 -10.43 21.58 5.60
CA ALA B 11 -10.24 21.30 4.18
C ALA B 11 -10.15 19.80 3.93
N ILE B 12 -9.46 19.07 4.79
CA ILE B 12 -9.34 17.63 4.64
C ILE B 12 -10.71 16.96 4.77
N ILE B 13 -11.51 17.42 5.72
CA ILE B 13 -12.84 16.82 5.93
C ILE B 13 -13.73 17.07 4.70
N PHE B 14 -13.72 18.31 4.20
CA PHE B 14 -14.50 18.60 2.99
C PHE B 14 -14.00 17.78 1.80
N TYR B 15 -12.68 17.62 1.69
CA TYR B 15 -12.12 16.82 0.60
C TYR B 15 -12.61 15.39 0.69
N LEU B 16 -12.58 14.80 1.89
CA LEU B 16 -13.07 13.44 2.04
C LEU B 16 -14.54 13.35 1.69
N ALA B 17 -15.34 14.34 2.10
CA ALA B 17 -16.77 14.30 1.83
C ALA B 17 -17.05 14.35 0.32
N ILE B 18 -16.40 15.28 -0.39
CA ILE B 18 -16.67 15.42 -1.82
C ILE B 18 -16.12 14.23 -2.58
N GLY B 19 -14.98 13.69 -2.14
CA GLY B 19 -14.45 12.49 -2.77
C GLY B 19 -15.39 11.31 -2.61
N ALA B 20 -15.92 11.13 -1.40
CA ALA B 20 -16.88 10.05 -1.18
C ALA B 20 -18.12 10.23 -2.04
N ALA B 21 -18.60 11.48 -2.16
CA ALA B 21 -19.78 11.73 -2.98
C ALA B 21 -19.53 11.38 -4.44
N ILE B 22 -18.42 11.86 -5.01
CA ILE B 22 -18.16 11.63 -6.42
C ILE B 22 -17.85 10.16 -6.69
N PHE B 23 -17.16 9.49 -5.76
CA PHE B 23 -16.90 8.07 -5.93
C PHE B 23 -18.19 7.27 -5.88
N GLU B 24 -19.06 7.57 -4.90
CA GLU B 24 -20.34 6.88 -4.79
C GLU B 24 -21.16 7.06 -6.06
N VAL B 25 -21.17 8.27 -6.63
CA VAL B 25 -21.99 8.48 -7.82
C VAL B 25 -21.35 7.85 -9.04
N LEU B 26 -20.02 7.71 -9.04
CA LEU B 26 -19.35 7.16 -10.22
C LEU B 26 -19.38 5.63 -10.23
N GLU B 27 -19.23 5.01 -9.06
CA GLU B 27 -19.01 3.57 -8.98
C GLU B 27 -20.24 2.76 -8.61
N GLU B 28 -21.19 3.32 -7.87
CA GLU B 28 -22.30 2.53 -7.35
C GLU B 28 -23.11 1.84 -8.44
N PRO B 29 -23.47 2.48 -9.57
CA PRO B 29 -24.23 1.75 -10.61
C PRO B 29 -23.50 0.51 -11.11
N HIS B 30 -22.21 0.64 -11.37
CA HIS B 30 -21.43 -0.50 -11.86
C HIS B 30 -21.35 -1.60 -10.80
N TRP B 31 -21.11 -1.22 -9.55
CA TRP B 31 -21.07 -2.22 -8.48
C TRP B 31 -22.39 -2.96 -8.39
N LYS B 32 -23.50 -2.24 -8.42
CA LYS B 32 -24.81 -2.88 -8.28
C LYS B 32 -25.09 -3.81 -9.45
N GLU B 33 -24.77 -3.38 -10.67
CA GLU B 33 -25.01 -4.26 -11.82
C GLU B 33 -24.09 -5.47 -11.76
N ALA B 34 -22.89 -5.32 -11.21
CA ALA B 34 -21.96 -6.44 -11.09
C ALA B 34 -22.53 -7.52 -10.19
N LYS B 35 -22.97 -7.15 -8.99
CA LYS B 35 -23.54 -8.13 -8.08
C LYS B 35 -24.88 -8.66 -8.57
N LYS B 36 -25.66 -7.86 -9.30
CA LYS B 36 -26.91 -8.38 -9.85
C LYS B 36 -26.64 -9.44 -10.91
N ASN B 37 -25.62 -9.21 -11.74
CA ASN B 37 -25.23 -10.24 -12.71
C ASN B 37 -24.66 -11.46 -12.00
N TYR B 38 -23.88 -11.25 -10.95
CA TYR B 38 -23.39 -12.37 -10.15
C TYR B 38 -24.53 -13.24 -9.68
N TYR B 39 -25.56 -12.63 -9.07
CA TYR B 39 -26.67 -13.41 -8.54
C TYR B 39 -27.49 -14.03 -9.67
N THR B 40 -27.59 -13.34 -10.81
CA THR B 40 -28.32 -13.90 -11.94
C THR B 40 -27.66 -15.18 -12.44
N GLN B 41 -26.34 -15.13 -12.70
CA GLN B 41 -25.64 -16.35 -13.10
C GLN B 41 -25.62 -17.37 -11.96
N LYS B 42 -25.69 -16.89 -10.72
CA LYS B 42 -25.75 -17.79 -9.56
C LYS B 42 -26.99 -18.66 -9.63
N LEU B 43 -28.14 -18.05 -9.90
CA LEU B 43 -29.37 -18.82 -10.04
C LEU B 43 -29.37 -19.60 -11.35
N HIS B 44 -28.76 -19.04 -12.40
CA HIS B 44 -28.72 -19.72 -13.68
C HIS B 44 -27.93 -21.03 -13.59
N LEU B 45 -26.90 -21.07 -12.74
CA LEU B 45 -26.17 -22.32 -12.54
C LEU B 45 -27.06 -23.39 -11.96
N LEU B 46 -27.81 -23.06 -10.90
CA LEU B 46 -28.76 -24.01 -10.33
C LEU B 46 -29.80 -24.43 -11.35
N LYS B 47 -30.19 -23.50 -12.24
CA LYS B 47 -31.11 -23.85 -13.31
C LYS B 47 -30.49 -24.87 -14.25
N GLU B 48 -29.20 -24.70 -14.57
CA GLU B 48 -28.52 -25.64 -15.45
C GLU B 48 -28.39 -27.01 -14.81
N PHE B 49 -28.08 -27.06 -13.52
CA PHE B 49 -27.99 -28.30 -12.78
C PHE B 49 -29.07 -28.35 -11.71
N PRO B 50 -30.32 -28.70 -12.04
CA PRO B 50 -31.29 -28.98 -10.97
C PRO B 50 -30.82 -30.15 -10.11
N CYS B 51 -30.01 -31.03 -10.71
CA CYS B 51 -29.33 -32.06 -9.97
C CYS B 51 -28.48 -31.47 -8.84
N LEU B 52 -27.90 -30.30 -9.06
CA LEU B 52 -27.15 -29.61 -8.02
C LEU B 52 -28.11 -28.86 -7.10
N SER B 53 -27.74 -28.75 -5.82
CA SER B 53 -28.58 -28.13 -4.82
C SER B 53 -27.96 -26.82 -4.36
N GLN B 54 -28.79 -25.98 -3.75
CA GLN B 54 -28.33 -24.71 -3.20
C GLN B 54 -27.19 -24.91 -2.20
N GLU B 55 -27.37 -25.86 -1.27
CA GLU B 55 -26.34 -26.10 -0.26
C GLU B 55 -25.05 -26.64 -0.89
N GLY B 56 -25.17 -27.42 -1.96
CA GLY B 56 -23.98 -27.80 -2.70
C GLY B 56 -23.26 -26.59 -3.28
N LEU B 57 -24.03 -25.64 -3.81
CA LEU B 57 -23.43 -24.41 -4.30
C LEU B 57 -22.74 -23.65 -3.19
N ASP B 58 -23.36 -23.60 -2.01
CA ASP B 58 -22.72 -22.90 -0.90
C ASP B 58 -21.45 -23.59 -0.47
N LYS B 59 -21.41 -24.92 -0.51
CA LYS B 59 -20.19 -25.63 -0.16
C LYS B 59 -19.09 -25.39 -1.19
N ILE B 60 -19.47 -25.33 -2.47
CA ILE B 60 -18.50 -25.03 -3.51
C ILE B 60 -17.92 -23.63 -3.32
N LEU B 61 -18.80 -22.65 -3.11
CA LEU B 61 -18.35 -21.28 -2.85
C LEU B 61 -17.46 -21.22 -1.62
N GLN B 62 -17.77 -22.00 -0.59
CA GLN B 62 -16.93 -22.02 0.61
C GLN B 62 -15.55 -22.58 0.31
N VAL B 63 -15.50 -23.70 -0.40
CA VAL B 63 -14.20 -24.29 -0.77
C VAL B 63 -13.39 -23.29 -1.57
N VAL B 64 -14.03 -22.58 -2.48
CA VAL B 64 -13.30 -21.61 -3.31
C VAL B 64 -12.83 -20.44 -2.47
N SER B 65 -13.65 -19.98 -1.54
CA SER B 65 -13.26 -18.84 -0.71
C SER B 65 -12.16 -19.22 0.27
N ASP B 66 -12.03 -20.50 0.57
CA ASP B 66 -10.89 -20.96 1.37
C ASP B 66 -9.59 -20.73 0.63
N ALA B 67 -9.59 -20.91 -0.69
CA ALA B 67 -8.36 -20.79 -1.47
C ALA B 67 -7.78 -19.38 -1.41
N ALA B 68 -8.59 -18.38 -1.77
CA ALA B 68 -8.09 -17.01 -1.88
C ALA B 68 -7.46 -16.54 -0.58
N ASP B 69 -7.84 -17.14 0.55
CA ASP B 69 -7.25 -16.73 1.82
C ASP B 69 -5.86 -17.34 2.01
N GLN B 70 -5.72 -18.64 1.77
CA GLN B 70 -4.43 -19.28 2.00
C GLN B 70 -3.40 -18.87 0.96
N GLY B 71 -3.86 -18.41 -0.21
CA GLY B 71 -2.97 -17.95 -1.26
C GLY B 71 -3.13 -18.66 -2.58
N VAL B 72 -3.49 -19.94 -2.59
CA VAL B 72 -3.66 -20.66 -3.84
C VAL B 72 -4.71 -19.98 -4.72
N ALA B 73 -4.36 -19.79 -5.99
CA ALA B 73 -5.24 -19.06 -6.90
C ALA B 73 -6.50 -19.83 -7.20
N ILE B 74 -7.58 -19.10 -7.52
CA ILE B 74 -8.86 -19.74 -7.78
C ILE B 74 -8.78 -20.64 -9.01
N THR B 75 -8.21 -20.12 -10.10
CA THR B 75 -8.23 -20.83 -11.37
C THR B 75 -6.89 -20.73 -12.08
N GLY B 76 -6.63 -21.71 -12.95
CA GLY B 76 -5.51 -21.66 -13.86
C GLY B 76 -4.19 -22.06 -13.22
N ASN B 77 -3.14 -21.85 -14.01
CA ASN B 77 -1.79 -22.15 -13.54
C ASN B 77 -1.41 -21.18 -12.43
N GLN B 78 -0.66 -21.67 -11.45
CA GLN B 78 -0.37 -20.93 -10.23
C GLN B 78 1.11 -20.70 -10.01
N THR B 79 1.87 -20.39 -11.06
CA THR B 79 3.31 -20.25 -10.90
C THR B 79 3.69 -18.85 -10.45
N PHE B 80 2.88 -17.84 -10.78
CA PHE B 80 3.29 -16.46 -10.54
C PHE B 80 3.06 -16.06 -9.09
N ASN B 81 2.16 -16.74 -8.39
CA ASN B 81 1.96 -16.52 -6.96
C ASN B 81 2.73 -17.53 -6.11
N ASN B 82 3.70 -18.22 -6.69
CA ASN B 82 4.46 -19.22 -5.95
C ASN B 82 5.36 -18.54 -4.93
N TRP B 83 6.06 -19.36 -4.14
CA TRP B 83 6.85 -18.84 -3.04
C TRP B 83 8.33 -19.14 -3.21
N ASN B 84 8.76 -19.45 -4.43
CA ASN B 84 10.16 -19.72 -4.70
C ASN B 84 10.94 -18.41 -4.80
N TRP B 85 12.18 -18.50 -5.27
CA TRP B 85 13.10 -17.37 -5.20
C TRP B 85 12.66 -16.14 -6.01
N PRO B 86 12.32 -16.25 -7.30
CA PRO B 86 11.97 -15.02 -8.04
C PRO B 86 10.80 -14.27 -7.44
N ASN B 87 9.72 -14.97 -7.09
CA ASN B 87 8.60 -14.30 -6.45
C ASN B 87 8.99 -13.72 -5.11
N ALA B 88 9.83 -14.43 -4.36
CA ALA B 88 10.14 -14.00 -3.00
C ALA B 88 10.98 -12.72 -2.99
N MET B 89 11.88 -12.58 -3.97
CA MET B 89 12.72 -11.39 -4.01
C MET B 89 11.87 -10.14 -4.24
N ILE B 90 11.00 -10.17 -5.25
CA ILE B 90 10.14 -9.03 -5.51
C ILE B 90 9.10 -8.82 -4.42
N PHE B 91 8.67 -9.89 -3.72
CA PHE B 91 7.80 -9.69 -2.59
C PHE B 91 8.52 -8.92 -1.48
N ALA B 92 9.75 -9.31 -1.17
CA ALA B 92 10.53 -8.55 -0.21
C ALA B 92 10.69 -7.10 -0.66
N ALA B 93 10.86 -6.89 -1.96
CA ALA B 93 10.94 -5.52 -2.48
C ALA B 93 9.67 -4.73 -2.19
N THR B 94 8.51 -5.30 -2.54
CA THR B 94 7.25 -4.60 -2.29
C THR B 94 7.04 -4.36 -0.80
N VAL B 95 7.56 -5.25 0.04
CA VAL B 95 7.47 -5.02 1.48
C VAL B 95 8.32 -3.82 1.89
N ILE B 96 9.56 -3.73 1.38
CA ILE B 96 10.47 -2.68 1.85
C ILE B 96 10.39 -1.40 1.04
N THR B 97 9.45 -1.27 0.11
CA THR B 97 9.17 0.02 -0.52
C THR B 97 7.80 0.58 -0.12
N THR B 98 7.19 0.05 0.93
CA THR B 98 5.87 0.49 1.44
C THR B 98 4.79 0.47 0.36
N ILE B 99 4.98 -0.31 -0.70
CA ILE B 99 3.93 -0.46 -1.69
C ILE B 99 2.90 -1.47 -1.24
N GLY B 100 3.34 -2.69 -0.95
CA GLY B 100 2.45 -3.68 -0.39
C GLY B 100 1.25 -3.95 -1.25
N TYR B 101 1.46 -4.57 -2.41
CA TYR B 101 0.34 -4.96 -3.26
C TYR B 101 -0.61 -5.89 -2.53
N GLY B 102 -0.11 -7.04 -2.09
CA GLY B 102 -0.92 -7.99 -1.36
C GLY B 102 -1.35 -9.20 -2.13
N ASN B 103 -0.85 -9.38 -3.35
CA ASN B 103 -1.17 -10.59 -4.11
C ASN B 103 -0.53 -11.81 -3.47
N VAL B 104 0.65 -11.65 -2.88
CA VAL B 104 1.28 -12.67 -2.05
C VAL B 104 1.62 -12.04 -0.71
N ALA B 105 1.27 -12.74 0.37
CA ALA B 105 1.47 -12.29 1.72
C ALA B 105 1.69 -13.51 2.61
N PRO B 106 2.34 -13.35 3.76
CA PRO B 106 2.56 -14.50 4.64
C PRO B 106 1.25 -14.98 5.24
N LYS B 107 1.17 -16.28 5.49
CA LYS B 107 -0.01 -16.91 6.06
C LYS B 107 0.31 -17.75 7.29
N THR B 108 1.56 -17.73 7.76
CA THR B 108 1.97 -18.53 8.90
C THR B 108 2.33 -17.64 10.08
N PRO B 109 1.96 -18.02 11.30
CA PRO B 109 2.33 -17.21 12.47
C PRO B 109 3.83 -17.01 12.61
N ALA B 110 4.63 -17.94 12.09
CA ALA B 110 6.08 -17.76 12.13
C ALA B 110 6.53 -16.70 11.13
N GLY B 111 5.97 -16.72 9.93
CA GLY B 111 6.34 -15.72 8.94
C GLY B 111 5.71 -14.37 9.20
N ARG B 112 4.44 -14.36 9.62
CA ARG B 112 3.75 -13.11 9.92
C ARG B 112 4.51 -12.30 10.95
N LEU B 113 5.30 -12.96 11.81
CA LEU B 113 6.07 -12.24 12.81
C LEU B 113 7.45 -11.87 12.27
N PHE B 114 7.97 -12.67 11.34
CA PHE B 114 9.24 -12.30 10.72
C PHE B 114 9.07 -11.08 9.82
N CYS B 115 7.92 -10.99 9.14
CA CYS B 115 7.70 -9.86 8.23
C CYS B 115 7.67 -8.55 8.99
N VAL B 116 7.25 -8.57 10.26
CA VAL B 116 7.20 -7.34 11.04
C VAL B 116 8.61 -6.81 11.28
N PHE B 117 9.52 -7.66 11.76
CA PHE B 117 10.89 -7.21 12.00
C PHE B 117 11.60 -6.91 10.68
N TYR B 118 11.31 -7.69 9.64
CA TYR B 118 11.88 -7.43 8.32
C TYR B 118 11.51 -6.03 7.84
N GLY B 119 10.24 -5.67 7.94
CA GLY B 119 9.84 -4.33 7.58
C GLY B 119 10.47 -3.28 8.48
N LEU B 120 10.46 -3.51 9.80
CA LEU B 120 10.96 -2.52 10.73
C LEU B 120 12.45 -2.24 10.50
N PHE B 121 13.19 -3.24 10.03
CA PHE B 121 14.62 -3.05 9.80
C PHE B 121 14.95 -2.69 8.35
N GLY B 122 14.06 -2.95 7.41
CA GLY B 122 14.36 -2.66 6.01
C GLY B 122 13.79 -1.35 5.53
N VAL B 123 12.52 -1.07 5.85
CA VAL B 123 11.88 0.14 5.37
C VAL B 123 12.68 1.40 5.70
N PRO B 124 13.20 1.59 6.92
CA PRO B 124 14.02 2.79 7.15
C PRO B 124 15.31 2.78 6.36
N LEU B 125 15.88 1.59 6.13
CA LEU B 125 17.08 1.51 5.31
C LEU B 125 16.79 1.86 3.86
N CYS B 126 15.75 1.26 3.28
CA CYS B 126 15.48 1.46 1.86
C CYS B 126 15.06 2.90 1.55
N LEU B 127 14.37 3.55 2.49
CA LEU B 127 13.96 4.93 2.24
C LEU B 127 15.15 5.88 2.22
N THR B 128 16.31 5.42 2.67
CA THR B 128 17.52 6.23 2.55
C THR B 128 18.24 5.94 1.24
N TRP B 129 18.36 4.66 0.88
CA TRP B 129 18.97 4.28 -0.38
C TRP B 129 18.30 4.99 -1.56
N ILE B 130 16.97 5.07 -1.53
CA ILE B 130 16.27 5.76 -2.60
C ILE B 130 16.59 7.25 -2.56
N SER B 131 16.68 7.83 -1.35
CA SER B 131 17.09 9.22 -1.24
C SER B 131 18.52 9.41 -1.71
N ALA B 132 19.38 8.41 -1.46
CA ALA B 132 20.76 8.49 -1.92
C ALA B 132 20.84 8.49 -3.45
N LEU B 133 20.14 7.55 -4.08
CA LEU B 133 20.06 7.55 -5.55
C LEU B 133 19.52 8.87 -6.06
N GLY B 134 18.49 9.41 -5.40
CA GLY B 134 17.94 10.68 -5.83
C GLY B 134 18.95 11.80 -5.79
N LYS B 135 19.63 11.95 -4.64
CA LYS B 135 20.60 13.04 -4.52
C LYS B 135 21.76 12.87 -5.48
N PHE B 136 22.18 11.62 -5.74
CA PHE B 136 23.28 11.38 -6.67
C PHE B 136 22.88 11.74 -8.10
N PHE B 137 21.70 11.30 -8.54
CA PHE B 137 21.25 11.62 -9.88
C PHE B 137 20.99 13.11 -10.03
N GLY B 138 20.49 13.76 -8.96
CA GLY B 138 20.31 15.19 -9.01
C GLY B 138 21.62 15.93 -9.11
N GLY B 139 22.64 15.47 -8.38
CA GLY B 139 23.97 16.03 -8.54
C GLY B 139 24.47 15.91 -9.96
N ARG B 140 24.42 14.71 -10.54
CA ARG B 140 24.87 14.51 -11.92
C ARG B 140 24.11 15.42 -12.89
N ALA B 141 22.78 15.44 -12.77
CA ALA B 141 21.96 16.20 -13.71
C ALA B 141 22.22 17.69 -13.60
N LYS B 142 22.22 18.23 -12.38
CA LYS B 142 22.50 19.65 -12.19
C LYS B 142 23.92 19.99 -12.61
N ARG B 143 24.86 19.05 -12.45
CA ARG B 143 26.23 19.28 -12.90
C ARG B 143 26.28 19.45 -14.42
N LEU B 144 25.68 18.50 -15.14
CA LEU B 144 25.64 18.61 -16.59
C LEU B 144 24.91 19.87 -17.03
N GLY B 145 23.81 20.21 -16.36
CA GLY B 145 23.04 21.39 -16.72
C GLY B 145 23.83 22.67 -16.51
N GLN B 146 24.54 22.78 -15.39
CA GLN B 146 25.33 23.98 -15.12
C GLN B 146 26.52 24.06 -16.06
N PHE B 147 27.12 22.92 -16.40
CA PHE B 147 28.21 22.93 -17.39
C PHE B 147 27.71 23.45 -18.74
N LEU B 148 26.59 22.91 -19.22
CA LEU B 148 26.04 23.35 -20.50
C LEU B 148 25.49 24.76 -20.43
N THR B 149 25.13 25.25 -19.24
CA THR B 149 24.69 26.63 -19.10
C THR B 149 25.88 27.59 -19.09
N ARG B 150 27.02 27.14 -18.56
CA ARG B 150 28.25 27.91 -18.67
C ARG B 150 28.73 27.97 -20.11
N ARG B 151 28.70 26.83 -20.81
CA ARG B 151 29.05 26.82 -22.23
C ARG B 151 28.15 27.77 -23.02
N GLY B 152 26.93 28.00 -22.55
CA GLY B 152 26.07 29.01 -23.12
C GLY B 152 26.07 30.27 -22.30
N VAL B 153 24.92 30.65 -21.76
CA VAL B 153 24.80 31.84 -20.92
C VAL B 153 23.88 31.51 -19.75
N SER B 154 24.29 31.90 -18.55
CA SER B 154 23.43 31.73 -17.39
C SER B 154 22.39 32.85 -17.34
N LEU B 155 21.22 32.51 -16.80
CA LEU B 155 20.09 33.43 -16.80
C LEU B 155 19.43 33.43 -15.43
N ARG B 156 18.77 34.54 -15.11
CA ARG B 156 18.03 34.66 -13.85
C ARG B 156 16.88 33.69 -13.76
N LYS B 157 16.44 33.12 -14.88
CA LYS B 157 15.34 32.15 -14.92
C LYS B 157 15.83 30.81 -15.45
N ALA B 158 17.14 30.58 -15.39
CA ALA B 158 17.67 29.29 -15.80
C ALA B 158 17.21 28.18 -14.85
N GLN B 159 17.01 28.50 -13.58
CA GLN B 159 16.42 27.54 -12.65
C GLN B 159 15.06 27.08 -13.15
N ILE B 160 14.26 28.00 -13.69
CA ILE B 160 12.96 27.63 -14.24
C ILE B 160 13.13 26.62 -15.35
N THR B 161 14.08 26.88 -16.27
CA THR B 161 14.32 25.98 -17.39
C THR B 161 14.71 24.59 -16.89
N CYS B 162 15.73 24.52 -16.05
CA CYS B 162 16.23 23.20 -15.61
C CYS B 162 15.18 22.45 -14.81
N THR B 163 14.48 23.15 -13.90
CA THR B 163 13.48 22.48 -13.07
C THR B 163 12.31 21.99 -13.91
N ALA B 164 11.84 22.81 -14.86
CA ALA B 164 10.75 22.37 -15.72
C ALA B 164 11.18 21.19 -16.58
N ILE B 165 12.43 21.20 -17.06
CA ILE B 165 12.93 20.07 -17.84
C ILE B 165 12.91 18.80 -16.99
N PHE B 166 13.37 18.91 -15.75
CA PHE B 166 13.35 17.77 -14.84
C PHE B 166 11.94 17.25 -14.63
N ILE B 167 11.00 18.15 -14.34
CA ILE B 167 9.63 17.74 -14.03
C ILE B 167 8.98 17.07 -15.23
N VAL B 168 9.18 17.64 -16.43
CA VAL B 168 8.58 17.05 -17.61
C VAL B 168 9.25 15.71 -17.94
N TRP B 169 10.55 15.59 -17.71
CA TRP B 169 11.21 14.29 -17.85
C TRP B 169 10.55 13.25 -16.97
N GLY B 170 10.36 13.58 -15.70
CA GLY B 170 9.72 12.65 -14.78
C GLY B 170 8.31 12.27 -15.23
N VAL B 171 7.49 13.28 -15.52
CA VAL B 171 6.11 13.03 -15.91
C VAL B 171 6.05 12.15 -17.15
N LEU B 172 6.85 12.48 -18.17
CA LEU B 172 6.87 11.68 -19.38
C LEU B 172 7.26 10.24 -19.08
N VAL B 173 8.41 10.04 -18.44
CA VAL B 173 8.94 8.68 -18.32
C VAL B 173 8.12 7.85 -17.33
N HIS B 174 7.30 8.48 -16.48
CA HIS B 174 6.62 7.71 -15.44
C HIS B 174 5.11 7.68 -15.54
N LEU B 175 4.49 8.50 -16.37
CA LEU B 175 3.04 8.49 -16.51
C LEU B 175 2.53 8.50 -17.93
N VAL B 176 3.32 8.93 -18.91
CA VAL B 176 2.84 9.07 -20.28
C VAL B 176 3.43 8.03 -21.22
N ILE B 177 4.70 7.66 -21.05
CA ILE B 177 5.32 6.63 -21.88
C ILE B 177 4.97 5.21 -21.42
N PRO B 178 5.03 4.88 -20.13
CA PRO B 178 4.81 3.47 -19.71
C PRO B 178 3.49 2.88 -20.19
N PRO B 179 2.37 3.61 -20.11
CA PRO B 179 1.09 2.99 -20.51
C PRO B 179 1.12 2.35 -21.88
N PHE B 180 1.96 2.86 -22.80
CA PHE B 180 2.04 2.24 -24.12
C PHE B 180 2.80 0.91 -24.06
N VAL B 181 3.89 0.88 -23.30
CA VAL B 181 4.59 -0.38 -23.08
C VAL B 181 3.64 -1.42 -22.50
N PHE B 182 2.77 -1.00 -21.59
CA PHE B 182 1.83 -1.96 -21.00
C PHE B 182 0.69 -2.31 -21.94
N MET B 183 0.29 -1.39 -22.81
CA MET B 183 -0.61 -1.75 -23.91
C MET B 183 -0.01 -2.87 -24.73
N VAL B 184 1.28 -2.79 -25.01
CA VAL B 184 1.93 -3.78 -25.87
C VAL B 184 2.07 -5.11 -25.16
N THR B 185 2.77 -5.13 -24.02
CA THR B 185 3.17 -6.38 -23.40
C THR B 185 2.13 -6.98 -22.47
N GLU B 186 1.14 -6.22 -22.03
CA GLU B 186 0.18 -6.70 -21.06
C GLU B 186 -1.26 -6.70 -21.54
N GLU B 187 -1.57 -6.01 -22.64
CA GLU B 187 -2.91 -5.99 -23.23
C GLU B 187 -3.92 -5.29 -22.31
N TRP B 188 -3.48 -4.22 -21.67
CA TRP B 188 -4.39 -3.28 -21.02
C TRP B 188 -4.64 -2.11 -21.96
N ASN B 189 -5.74 -1.39 -21.72
CA ASN B 189 -5.98 -0.16 -22.46
C ASN B 189 -5.15 0.95 -21.82
N TYR B 190 -5.38 2.19 -22.22
CA TYR B 190 -4.51 3.26 -21.76
C TYR B 190 -4.84 3.70 -20.34
N ILE B 191 -6.13 3.81 -20.01
CA ILE B 191 -6.52 4.30 -18.70
C ILE B 191 -6.05 3.36 -17.61
N GLU B 192 -6.17 2.04 -17.84
CA GLU B 192 -5.66 1.07 -16.88
C GLU B 192 -4.17 1.24 -16.66
N GLY B 193 -3.41 1.37 -17.75
CA GLY B 193 -1.97 1.49 -17.61
C GLY B 193 -1.56 2.75 -16.88
N LEU B 194 -2.22 3.87 -17.18
CA LEU B 194 -1.90 5.13 -16.51
C LEU B 194 -2.26 5.07 -15.03
N TYR B 195 -3.46 4.57 -14.74
CA TYR B 195 -3.89 4.39 -13.36
C TYR B 195 -2.91 3.53 -12.58
N TYR B 196 -2.51 2.38 -13.15
CA TYR B 196 -1.56 1.51 -12.48
C TYR B 196 -0.22 2.19 -12.28
N SER B 197 0.27 2.90 -13.30
CA SER B 197 1.57 3.55 -13.19
C SER B 197 1.56 4.58 -12.06
N PHE B 198 0.51 5.42 -12.01
CA PHE B 198 0.44 6.41 -10.94
C PHE B 198 0.30 5.75 -9.57
N ILE B 199 -0.56 4.72 -9.47
CA ILE B 199 -0.83 4.12 -8.18
C ILE B 199 0.38 3.34 -7.68
N THR B 200 1.27 2.93 -8.57
CA THR B 200 2.52 2.31 -8.13
C THR B 200 3.58 3.35 -7.79
N ILE B 201 3.61 4.48 -8.52
CA ILE B 201 4.66 5.46 -8.28
C ILE B 201 4.49 6.11 -6.91
N SER B 202 3.25 6.33 -6.48
CA SER B 202 2.98 6.96 -5.19
C SER B 202 2.93 5.96 -4.03
N THR B 203 3.51 4.77 -4.22
CA THR B 203 3.58 3.72 -3.19
C THR B 203 2.22 3.43 -2.57
N ILE B 204 1.15 3.53 -3.36
CA ILE B 204 -0.17 3.16 -2.88
C ILE B 204 -0.35 1.67 -3.09
N GLY B 205 -0.33 1.24 -4.34
CA GLY B 205 -0.34 -0.18 -4.63
C GLY B 205 -1.56 -0.92 -4.12
N PHE B 206 -2.73 -0.67 -4.72
CA PHE B 206 -3.92 -1.42 -4.35
C PHE B 206 -3.68 -2.91 -4.47
N GLY B 207 -3.33 -3.37 -5.66
CA GLY B 207 -3.02 -4.77 -5.85
C GLY B 207 -3.97 -5.46 -6.82
N ASP B 208 -4.72 -4.67 -7.58
CA ASP B 208 -5.56 -5.21 -8.62
C ASP B 208 -4.83 -5.32 -9.95
N PHE B 209 -3.81 -4.50 -10.17
CA PHE B 209 -3.00 -4.53 -11.38
C PHE B 209 -1.54 -4.66 -10.98
N VAL B 210 -0.95 -5.83 -11.23
CA VAL B 210 0.47 -6.04 -11.02
C VAL B 210 1.07 -6.42 -12.37
N ALA B 211 2.18 -5.79 -12.72
CA ALA B 211 2.80 -5.96 -14.03
C ALA B 211 3.84 -7.07 -13.95
N GLY B 212 3.59 -8.16 -14.68
CA GLY B 212 4.51 -9.28 -14.72
C GLY B 212 3.95 -10.58 -14.20
N VAL B 213 2.71 -10.60 -13.70
CA VAL B 213 2.08 -11.82 -13.22
C VAL B 213 0.86 -12.11 -14.08
N ASN B 214 0.97 -13.10 -14.95
CA ASN B 214 -0.19 -13.62 -15.66
C ASN B 214 0.12 -15.01 -16.20
N PRO B 215 -0.66 -16.02 -15.86
CA PRO B 215 -0.41 -17.36 -16.41
C PRO B 215 -0.62 -17.43 -17.92
N SER B 216 -1.44 -16.56 -18.48
CA SER B 216 -1.66 -16.49 -19.92
C SER B 216 -0.77 -15.40 -20.53
N ALA B 217 0.54 -15.62 -20.45
CA ALA B 217 1.48 -14.63 -20.91
C ALA B 217 2.76 -15.30 -21.37
N ASN B 218 3.45 -14.64 -22.30
CA ASN B 218 4.70 -15.11 -22.87
C ASN B 218 5.79 -14.07 -22.60
N TYR B 219 5.83 -13.59 -21.36
CA TYR B 219 6.79 -12.56 -20.97
C TYR B 219 8.22 -13.02 -21.26
N HIS B 220 9.09 -12.03 -21.44
CA HIS B 220 10.52 -12.31 -21.54
C HIS B 220 11.12 -12.45 -20.16
N ALA B 221 12.25 -13.18 -20.08
CA ALA B 221 12.78 -13.59 -18.80
C ALA B 221 13.23 -12.41 -17.94
N LEU B 222 13.43 -11.24 -18.57
CA LEU B 222 13.88 -10.06 -17.85
C LEU B 222 12.80 -9.00 -17.68
N TYR B 223 11.56 -9.29 -18.08
CA TYR B 223 10.50 -8.30 -18.00
C TYR B 223 10.23 -7.88 -16.56
N ARG B 224 10.12 -8.86 -15.66
CA ARG B 224 9.80 -8.56 -14.27
C ARG B 224 10.86 -7.68 -13.63
N TYR B 225 12.14 -7.99 -13.86
CA TYR B 225 13.20 -7.24 -13.22
C TYR B 225 13.35 -5.86 -13.84
N PHE B 226 13.07 -5.74 -15.14
CA PHE B 226 13.02 -4.42 -15.75
C PHE B 226 11.92 -3.57 -15.14
N VAL B 227 10.75 -4.18 -14.90
CA VAL B 227 9.66 -3.48 -14.23
C VAL B 227 10.11 -3.00 -12.85
N GLU B 228 10.76 -3.88 -12.10
CA GLU B 228 11.19 -3.52 -10.75
C GLU B 228 12.21 -2.38 -10.78
N LEU B 229 13.14 -2.42 -11.73
CA LEU B 229 14.13 -1.36 -11.84
C LEU B 229 13.48 -0.04 -12.21
N TRP B 230 12.51 -0.07 -13.13
CA TRP B 230 11.77 1.14 -13.46
C TRP B 230 11.06 1.69 -12.24
N ILE B 231 10.47 0.80 -11.43
CA ILE B 231 9.80 1.24 -10.22
C ILE B 231 10.77 1.94 -9.27
N TYR B 232 11.97 1.36 -9.11
CA TYR B 232 12.95 1.98 -8.22
C TYR B 232 13.40 3.34 -8.72
N LEU B 233 13.64 3.47 -10.03
CA LEU B 233 14.03 4.77 -10.57
C LEU B 233 12.90 5.78 -10.43
N GLY B 234 11.66 5.33 -10.59
CA GLY B 234 10.53 6.21 -10.36
C GLY B 234 10.47 6.72 -8.93
N LEU B 235 10.73 5.83 -7.96
CA LEU B 235 10.73 6.26 -6.57
C LEU B 235 11.86 7.23 -6.28
N ALA B 236 13.03 7.01 -6.91
CA ALA B 236 14.13 7.94 -6.73
C ALA B 236 13.79 9.32 -7.28
N TRP B 237 13.22 9.36 -8.47
CA TRP B 237 12.79 10.64 -9.03
C TRP B 237 11.72 11.28 -8.15
N LEU B 238 10.85 10.47 -7.55
CA LEU B 238 9.85 11.01 -6.64
C LEU B 238 10.50 11.68 -5.44
N SER B 239 11.53 11.04 -4.87
CA SER B 239 12.27 11.67 -3.78
C SER B 239 12.88 12.99 -4.20
N LEU B 240 13.55 13.00 -5.36
CA LEU B 240 14.12 14.24 -5.87
C LEU B 240 13.06 15.33 -6.00
N PHE B 241 11.91 14.98 -6.59
CA PHE B 241 10.89 15.98 -6.87
C PHE B 241 10.24 16.48 -5.58
N VAL B 242 10.08 15.61 -4.58
CA VAL B 242 9.45 16.06 -3.35
C VAL B 242 10.41 16.97 -2.58
N ASN B 243 11.71 16.68 -2.64
CA ASN B 243 12.67 17.61 -2.03
C ASN B 243 12.69 18.94 -2.77
N TRP B 244 12.64 18.90 -4.09
CA TRP B 244 12.53 20.12 -4.88
C TRP B 244 11.29 20.91 -4.51
N LYS B 245 10.18 20.21 -4.28
CA LYS B 245 8.93 20.89 -3.94
C LYS B 245 9.02 21.51 -2.56
N VAL B 246 9.62 20.81 -1.60
CA VAL B 246 9.85 21.41 -0.29
C VAL B 246 10.67 22.69 -0.42
N SER B 247 11.76 22.64 -1.19
CA SER B 247 12.61 23.82 -1.34
C SER B 247 11.86 24.97 -2.00
N MET B 248 11.17 24.70 -3.11
CA MET B 248 10.48 25.77 -3.81
C MET B 248 9.31 26.31 -2.99
N PHE B 249 8.74 25.48 -2.11
CA PHE B 249 7.69 25.97 -1.24
C PHE B 249 8.23 26.87 -0.15
N VAL B 250 9.38 26.50 0.42
CA VAL B 250 10.08 27.41 1.32
C VAL B 250 10.36 28.73 0.61
N GLU B 251 10.74 28.66 -0.67
CA GLU B 251 10.98 29.89 -1.44
C GLU B 251 9.71 30.71 -1.59
N VAL B 252 8.59 30.07 -1.93
CA VAL B 252 7.37 30.83 -2.23
C VAL B 252 6.77 31.40 -0.94
N HIS B 253 7.02 30.76 0.20
CA HIS B 253 6.53 31.32 1.46
C HIS B 253 7.12 32.71 1.70
N LYS B 254 8.27 33.00 1.13
CA LYS B 254 8.76 34.37 1.13
C LYS B 254 8.27 35.12 -0.10
N ALA B 255 8.30 34.47 -1.27
CA ALA B 255 7.99 35.15 -2.53
C ALA B 255 6.57 35.70 -2.55
N ILE B 256 5.70 35.23 -1.65
CA ILE B 256 4.35 35.79 -1.57
C ILE B 256 4.40 37.25 -1.12
N LYS B 257 5.29 37.56 -0.18
CA LYS B 257 5.38 38.94 0.30
C LYS B 257 5.80 39.90 -0.81
N LYS B 258 6.47 39.39 -1.85
CA LYS B 258 6.78 40.21 -3.00
C LYS B 258 5.50 40.75 -3.64
N ARG B 259 4.44 39.96 -3.65
CA ARG B 259 3.18 40.40 -4.21
C ARG B 259 2.46 41.36 -3.26
N ARG B 260 2.85 41.36 -2.00
CA ARG B 260 2.30 42.30 -1.02
C ARG B 260 3.09 43.60 -0.98
#